data_3BT5
#
_entry.id   3BT5
#
_cell.length_a   49.690
_cell.length_b   49.690
_cell.length_c   71.191
_cell.angle_alpha   90.000
_cell.angle_beta   90.000
_cell.angle_gamma   90.000
#
_symmetry.space_group_name_H-M   'P 41'
#
loop_
_entity.id
_entity.type
_entity.pdbx_description
1 polymer 'Uncharacterized protein DUF305'
2 non-polymer 'CHLORIDE ION'
3 water water
#
_entity_poly.entity_id   1
_entity_poly.type   'polypeptide(L)'
_entity_poly.pdbx_seq_one_letter_code
;SLRPPLPPATPQEVQFVQHMLQHHAQALDLAAPMLERSQQRTVRSLALDIQLSQREQMRQMEAMLGRWGQPPGEPISPEH
ARMMGMASEAEVAGLSTLPVEQAERQFLRLMIRHHQGAVAMTLPMLDAAARPEVERLARQIVVTQRGEIRTMEGVLGRLD
GEVPAAPMRPVEHGHGH
;
_entity_poly.pdbx_strand_id   A
#
# COMPACT_ATOMS: atom_id res chain seq x y z
N PRO A 7 -3.10 24.84 -13.98
CA PRO A 7 -4.48 24.38 -13.84
C PRO A 7 -4.64 23.46 -12.62
N PRO A 8 -5.77 23.58 -11.90
CA PRO A 8 -5.89 22.86 -10.64
C PRO A 8 -6.09 21.36 -10.87
N ALA A 9 -5.76 20.56 -9.87
CA ALA A 9 -5.95 19.11 -9.95
C ALA A 9 -7.44 18.81 -10.14
N THR A 10 -7.75 17.81 -10.96
CA THR A 10 -9.15 17.45 -11.23
C THR A 10 -9.73 16.71 -10.02
N PRO A 11 -11.05 16.69 -9.90
CA PRO A 11 -11.66 15.89 -8.82
C PRO A 11 -11.21 14.42 -8.83
N GLN A 12 -11.05 13.83 -10.01
CA GLN A 12 -10.55 12.45 -10.10
C GLN A 12 -9.11 12.36 -9.57
N GLU A 13 -8.25 13.33 -9.91
CA GLU A 13 -6.89 13.31 -9.40
C GLU A 13 -6.83 13.49 -7.89
N VAL A 14 -7.63 14.41 -7.38
CA VAL A 14 -7.68 14.63 -5.94
C VAL A 14 -8.14 13.35 -5.22
N GLN A 15 -9.21 12.74 -5.71
CA GLN A 15 -9.69 11.53 -5.05
C GLN A 15 -8.66 10.40 -5.13
N PHE A 16 -7.99 10.27 -6.26
CA PHE A 16 -6.96 9.24 -6.44
C PHE A 16 -5.88 9.38 -5.36
N VAL A 17 -5.36 10.59 -5.20
CA VAL A 17 -4.30 10.80 -4.20
C VAL A 17 -4.85 10.59 -2.79
N GLN A 18 -6.04 11.10 -2.50
CA GLN A 18 -6.61 10.91 -1.16
C GLN A 18 -6.75 9.41 -0.86
N HIS A 19 -7.30 8.67 -1.81
CA HIS A 19 -7.49 7.24 -1.59
C HIS A 19 -6.19 6.49 -1.50
N MET A 20 -5.22 6.83 -2.34
CA MET A 20 -3.95 6.09 -2.31
CA MET A 20 -3.95 6.09 -2.31
C MET A 20 -3.19 6.37 -1.03
N LEU A 21 -3.35 7.57 -0.46
CA LEU A 21 -2.64 7.88 0.77
C LEU A 21 -3.16 6.95 1.88
N GLN A 22 -4.47 6.78 1.94
CA GLN A 22 -5.03 5.88 2.96
C GLN A 22 -4.67 4.42 2.66
N HIS A 23 -4.66 4.07 1.39
CA HIS A 23 -4.32 2.69 0.98
C HIS A 23 -2.88 2.38 1.40
N HIS A 24 -1.93 3.29 1.10
CA HIS A 24 -0.56 3.08 1.52
C HIS A 24 -0.45 3.01 3.03
N ALA A 25 -1.19 3.83 3.75
CA ALA A 25 -1.07 3.82 5.20
C ALA A 25 -1.32 2.44 5.77
N GLN A 26 -2.22 1.68 5.14
CA GLN A 26 -2.52 0.36 5.70
C GLN A 26 -1.32 -0.59 5.60
N ALA A 27 -0.46 -0.39 4.62
CA ALA A 27 0.72 -1.25 4.50
C ALA A 27 1.54 -1.19 5.80
N LEU A 28 1.55 -0.01 6.42
CA LEU A 28 2.25 0.17 7.70
C LEU A 28 1.59 -0.66 8.82
N ASP A 29 0.26 -0.72 8.83
CA ASP A 29 -0.50 -1.50 9.83
C ASP A 29 -0.24 -3.00 9.63
N LEU A 30 -0.03 -3.42 8.39
CA LEU A 30 0.24 -4.82 8.11
C LEU A 30 1.68 -5.17 8.51
N ALA A 31 2.61 -4.25 8.28
CA ALA A 31 4.02 -4.55 8.56
C ALA A 31 4.34 -4.59 10.06
N ALA A 32 3.66 -3.75 10.84
CA ALA A 32 3.97 -3.60 12.26
C ALA A 32 3.99 -4.94 13.03
N PRO A 33 2.91 -5.75 12.91
CA PRO A 33 2.97 -7.04 13.64
C PRO A 33 4.09 -7.99 13.20
N MET A 34 4.57 -7.87 11.96
CA MET A 34 5.72 -8.70 11.56
C MET A 34 6.99 -8.29 12.28
N LEU A 35 7.19 -6.99 12.41
CA LEU A 35 8.37 -6.50 13.11
C LEU A 35 8.26 -6.83 14.59
N GLU A 36 7.05 -6.89 15.11
CA GLU A 36 6.83 -7.25 16.52
CA GLU A 36 6.84 -7.24 16.51
C GLU A 36 6.99 -8.73 16.80
N ARG A 37 6.53 -9.59 15.88
CA ARG A 37 6.37 -11.02 16.14
C ARG A 37 7.26 -12.01 15.38
N SER A 38 7.64 -11.67 14.16
CA SER A 38 8.35 -12.64 13.33
C SER A 38 9.79 -12.80 13.79
N GLN A 39 10.27 -14.03 13.76
CA GLN A 39 11.67 -14.31 14.03
C GLN A 39 12.39 -14.71 12.75
N GLN A 40 11.72 -14.54 11.61
CA GLN A 40 12.34 -14.79 10.30
C GLN A 40 12.95 -13.49 9.80
N ARG A 41 14.28 -13.47 9.68
CA ARG A 41 14.98 -12.32 9.14
C ARG A 41 14.44 -11.97 7.76
N THR A 42 14.08 -12.99 6.99
CA THR A 42 13.53 -12.79 5.64
CA THR A 42 13.54 -12.78 5.65
C THR A 42 12.26 -11.94 5.68
N VAL A 43 11.30 -12.36 6.48
CA VAL A 43 10.01 -11.65 6.59
C VAL A 43 10.20 -10.26 7.20
N ARG A 44 11.04 -10.18 8.23
CA ARG A 44 11.29 -8.90 8.88
C ARG A 44 11.93 -7.87 7.92
N SER A 45 12.92 -8.33 7.16
CA SER A 45 13.63 -7.48 6.19
C SER A 45 12.64 -6.96 5.16
N LEU A 46 11.82 -7.85 4.67
CA LEU A 46 10.85 -7.50 3.67
C LEU A 46 9.81 -6.50 4.23
N ALA A 47 9.32 -6.75 5.45
CA ALA A 47 8.36 -5.84 6.07
C ALA A 47 8.94 -4.42 6.23
N LEU A 48 10.20 -4.34 6.66
CA LEU A 48 10.87 -3.04 6.80
C LEU A 48 10.97 -2.30 5.47
N ASP A 49 11.36 -3.03 4.43
CA ASP A 49 11.55 -2.45 3.12
C ASP A 49 10.23 -1.92 2.58
N ILE A 50 9.14 -2.68 2.80
CA ILE A 50 7.85 -2.21 2.30
C ILE A 50 7.40 -0.97 3.07
N GLN A 51 7.64 -0.95 4.38
CA GLN A 51 7.29 0.22 5.15
CA GLN A 51 7.29 0.23 5.16
C GLN A 51 8.01 1.46 4.61
N LEU A 52 9.29 1.30 4.33
CA LEU A 52 10.06 2.45 3.86
C LEU A 52 9.62 2.94 2.48
N SER A 53 9.35 2.02 1.59
CA SER A 53 8.94 2.42 0.24
CA SER A 53 8.94 2.39 0.23
C SER A 53 7.56 3.05 0.25
N GLN A 54 6.64 2.48 1.03
CA GLN A 54 5.29 3.06 1.09
CA GLN A 54 5.30 3.06 1.10
C GLN A 54 5.34 4.44 1.73
N ARG A 55 6.14 4.60 2.79
CA ARG A 55 6.24 5.91 3.43
C ARG A 55 6.79 7.00 2.49
N GLU A 56 7.75 6.65 1.65
CA GLU A 56 8.31 7.61 0.70
C GLU A 56 7.22 8.12 -0.23
N GLN A 57 6.37 7.21 -0.69
CA GLN A 57 5.29 7.64 -1.56
C GLN A 57 4.20 8.41 -0.80
N MET A 58 3.96 8.05 0.47
CA MET A 58 3.02 8.81 1.28
C MET A 58 3.50 10.24 1.44
N ARG A 59 4.79 10.46 1.67
CA ARG A 59 5.27 11.83 1.82
C ARG A 59 4.99 12.65 0.56
N GLN A 60 5.16 12.03 -0.60
CA GLN A 60 4.89 12.71 -1.88
C GLN A 60 3.41 13.03 -2.01
N MET A 61 2.55 12.09 -1.63
CA MET A 61 1.12 12.31 -1.69
CA MET A 61 1.13 12.35 -1.74
C MET A 61 0.64 13.39 -0.74
N GLU A 62 1.20 13.39 0.48
CA GLU A 62 0.87 14.43 1.46
C GLU A 62 1.26 15.80 0.89
N ALA A 63 2.43 15.88 0.28
CA ALA A 63 2.89 17.18 -0.26
C ALA A 63 1.95 17.64 -1.38
N MET A 64 1.51 16.70 -2.21
N MET A 64 1.51 16.73 -2.24
CA MET A 64 0.58 17.02 -3.28
CA MET A 64 0.58 17.14 -3.29
C MET A 64 -0.72 17.60 -2.74
C MET A 64 -0.69 17.68 -2.67
N LEU A 65 -1.30 16.91 -1.76
CA LEU A 65 -2.55 17.38 -1.19
C LEU A 65 -2.32 18.75 -0.55
N GLY A 66 -1.22 18.91 0.16
CA GLY A 66 -0.91 20.23 0.74
C GLY A 66 -0.81 21.33 -0.30
N ARG A 67 -0.07 21.07 -1.38
CA ARG A 67 0.07 22.07 -2.46
C ARG A 67 -1.26 22.41 -3.11
N TRP A 68 -2.12 21.40 -3.23
CA TRP A 68 -3.41 21.61 -3.91
C TRP A 68 -4.41 22.25 -2.97
N GLY A 69 -4.05 22.34 -1.69
CA GLY A 69 -4.93 22.86 -0.67
C GLY A 69 -6.14 21.96 -0.50
N GLN A 70 -5.91 20.65 -0.58
CA GLN A 70 -6.98 19.67 -0.43
C GLN A 70 -6.79 18.90 0.86
N PRO A 71 -7.90 18.56 1.52
CA PRO A 71 -7.85 17.81 2.77
C PRO A 71 -7.54 16.34 2.47
N PRO A 72 -7.23 15.57 3.52
CA PRO A 72 -7.18 14.12 3.36
C PRO A 72 -8.57 13.64 3.00
N GLY A 73 -8.67 12.48 2.37
CA GLY A 73 -10.00 11.99 2.09
C GLY A 73 -10.83 11.72 3.35
N GLU A 74 -12.16 11.70 3.19
CA GLU A 74 -13.02 11.04 4.15
C GLU A 74 -12.57 9.58 4.22
N PRO A 75 -12.73 8.92 5.39
CA PRO A 75 -12.33 7.52 5.46
C PRO A 75 -13.03 6.66 4.37
N ILE A 76 -12.29 5.67 3.85
CA ILE A 76 -12.89 4.67 2.95
C ILE A 76 -13.81 3.72 3.76
N SER A 77 -14.97 3.37 3.20
CA SER A 77 -15.90 2.37 3.82
C SER A 77 -15.34 0.98 3.80
N PRO A 78 -15.72 0.13 4.78
CA PRO A 78 -15.22 -1.25 4.76
C PRO A 78 -15.42 -1.99 3.43
N GLU A 79 -16.60 -1.90 2.82
CA GLU A 79 -16.82 -2.63 1.57
C GLU A 79 -15.91 -2.12 0.47
N HIS A 80 -15.80 -0.80 0.37
CA HIS A 80 -14.96 -0.25 -0.67
C HIS A 80 -13.49 -0.47 -0.41
N ALA A 81 -13.07 -0.44 0.86
CA ALA A 81 -11.70 -0.83 1.21
C ALA A 81 -11.41 -2.25 0.74
N ARG A 82 -12.36 -3.14 0.98
CA ARG A 82 -12.16 -4.53 0.53
CA ARG A 82 -12.21 -4.54 0.53
C ARG A 82 -11.99 -4.61 -0.99
N MET A 83 -12.79 -3.85 -1.73
CA MET A 83 -12.62 -3.84 -3.19
C MET A 83 -11.28 -3.30 -3.63
N MET A 84 -10.77 -2.33 -2.88
CA MET A 84 -9.45 -1.80 -3.12
C MET A 84 -8.34 -2.79 -2.76
N GLY A 85 -8.68 -3.98 -2.28
CA GLY A 85 -7.66 -4.94 -1.87
C GLY A 85 -7.12 -4.71 -0.47
N MET A 86 -7.66 -3.72 0.25
CA MET A 86 -7.25 -3.51 1.64
C MET A 86 -7.69 -4.66 2.54
N ALA A 87 -6.92 -4.93 3.59
CA ALA A 87 -7.28 -5.96 4.55
C ALA A 87 -8.43 -5.49 5.43
N SER A 88 -9.29 -6.43 5.83
CA SER A 88 -10.36 -6.05 6.73
C SER A 88 -9.79 -5.84 8.14
N GLU A 89 -10.61 -5.25 8.99
CA GLU A 89 -10.32 -5.14 10.39
C GLU A 89 -9.87 -6.50 11.01
N ALA A 90 -10.67 -7.54 10.76
CA ALA A 90 -10.34 -8.88 11.24
C ALA A 90 -9.03 -9.39 10.65
N GLU A 91 -8.82 -9.17 9.36
CA GLU A 91 -7.60 -9.69 8.73
C GLU A 91 -6.37 -9.06 9.32
N VAL A 92 -6.42 -7.74 9.54
CA VAL A 92 -5.27 -7.07 10.16
C VAL A 92 -5.04 -7.64 11.56
N ALA A 93 -6.13 -7.81 12.34
CA ALA A 93 -5.98 -8.38 13.69
C ALA A 93 -5.37 -9.79 13.68
N GLY A 94 -5.63 -10.58 12.64
CA GLY A 94 -5.10 -11.94 12.54
C GLY A 94 -3.60 -11.94 12.59
N LEU A 95 -2.96 -10.88 12.08
CA LEU A 95 -1.50 -10.84 12.11
C LEU A 95 -0.95 -10.80 13.52
N SER A 96 -1.77 -10.36 14.48
CA SER A 96 -1.34 -10.30 15.87
C SER A 96 -1.77 -11.52 16.69
N THR A 97 -2.79 -12.24 16.23
CA THR A 97 -3.44 -13.29 17.02
C THR A 97 -3.14 -14.70 16.51
N LEU A 98 -2.87 -14.86 15.21
CA LEU A 98 -2.65 -16.20 14.66
C LEU A 98 -1.28 -16.72 15.08
N PRO A 99 -1.10 -18.06 15.11
CA PRO A 99 0.23 -18.59 15.32
C PRO A 99 1.20 -17.93 14.34
N VAL A 100 2.42 -17.64 14.79
CA VAL A 100 3.32 -16.78 14.01
C VAL A 100 3.55 -17.25 12.58
N GLU A 101 3.74 -18.53 12.37
CA GLU A 101 3.99 -19.03 11.02
C GLU A 101 2.79 -18.77 10.10
N GLN A 102 1.57 -18.89 10.63
CA GLN A 102 0.37 -18.58 9.86
C GLN A 102 0.27 -17.07 9.66
N ALA A 103 0.63 -16.27 10.67
CA ALA A 103 0.60 -14.81 10.53
C ALA A 103 1.58 -14.33 9.46
N GLU A 104 2.74 -14.97 9.37
CA GLU A 104 3.69 -14.60 8.32
C GLU A 104 3.14 -14.84 6.92
N ARG A 105 2.51 -16.00 6.71
CA ARG A 105 1.92 -16.28 5.41
C ARG A 105 0.76 -15.34 5.12
N GLN A 106 -0.08 -15.09 6.13
CA GLN A 106 -1.19 -14.15 5.95
C GLN A 106 -0.67 -12.75 5.61
N PHE A 107 0.40 -12.33 6.27
CA PHE A 107 0.98 -11.02 5.94
C PHE A 107 1.30 -10.92 4.46
N LEU A 108 1.95 -11.96 3.92
CA LEU A 108 2.32 -11.93 2.50
C LEU A 108 1.08 -11.97 1.61
N ARG A 109 0.11 -12.84 1.93
CA ARG A 109 -1.11 -12.89 1.12
C ARG A 109 -1.85 -11.56 1.16
N LEU A 110 -1.97 -10.97 2.33
CA LEU A 110 -2.70 -9.72 2.45
C LEU A 110 -1.97 -8.60 1.75
N MET A 111 -0.64 -8.56 1.90
CA MET A 111 0.09 -7.47 1.26
C MET A 111 0.10 -7.62 -0.26
N ILE A 112 0.17 -8.86 -0.76
CA ILE A 112 0.05 -9.05 -2.20
C ILE A 112 -1.30 -8.55 -2.72
N ARG A 113 -2.39 -8.90 -2.06
CA ARG A 113 -3.70 -8.48 -2.54
CA ARG A 113 -3.72 -8.48 -2.51
C ARG A 113 -3.83 -6.96 -2.46
N HIS A 114 -3.30 -6.40 -1.37
CA HIS A 114 -3.25 -4.97 -1.18
C HIS A 114 -2.54 -4.28 -2.35
N HIS A 115 -1.36 -4.79 -2.70
CA HIS A 115 -0.61 -4.19 -3.78
C HIS A 115 -1.29 -4.38 -5.15
N GLN A 116 -1.94 -5.52 -5.36
CA GLN A 116 -2.71 -5.72 -6.59
C GLN A 116 -3.82 -4.69 -6.68
N GLY A 117 -4.46 -4.37 -5.56
CA GLY A 117 -5.51 -3.34 -5.61
C GLY A 117 -4.93 -1.97 -5.92
N ALA A 118 -3.77 -1.66 -5.35
CA ALA A 118 -3.09 -0.37 -5.65
C ALA A 118 -2.79 -0.29 -7.15
N VAL A 119 -2.27 -1.36 -7.73
CA VAL A 119 -1.96 -1.30 -9.17
C VAL A 119 -3.25 -1.06 -9.97
N ALA A 120 -4.32 -1.75 -9.60
CA ALA A 120 -5.57 -1.64 -10.32
C ALA A 120 -6.22 -0.24 -10.21
N MET A 121 -5.99 0.44 -9.09
CA MET A 121 -6.45 1.82 -8.88
CA MET A 121 -6.49 1.80 -8.98
C MET A 121 -5.62 2.80 -9.71
N THR A 122 -4.38 2.42 -9.97
CA THR A 122 -3.42 3.37 -10.51
C THR A 122 -3.33 3.35 -12.02
N LEU A 123 -3.53 2.18 -12.63
CA LEU A 123 -3.41 2.08 -14.09
C LEU A 123 -4.24 3.11 -14.86
N PRO A 124 -5.50 3.32 -14.47
CA PRO A 124 -6.30 4.33 -15.18
C PRO A 124 -5.74 5.77 -15.11
N MET A 125 -4.92 6.05 -14.09
CA MET A 125 -4.33 7.39 -13.97
C MET A 125 -3.12 7.57 -14.89
N LEU A 126 -2.66 6.49 -15.52
CA LEU A 126 -1.55 6.61 -16.47
C LEU A 126 -1.93 7.43 -17.72
N ASP A 127 -3.21 7.46 -18.08
CA ASP A 127 -3.69 8.37 -19.13
C ASP A 127 -4.50 9.51 -18.51
N ALA A 130 -3.15 12.73 -17.62
CA ALA A 130 -3.20 13.27 -16.27
C ALA A 130 -2.14 14.33 -16.08
N ARG A 131 -2.36 15.20 -15.09
CA ARG A 131 -1.38 16.19 -14.64
C ARG A 131 0.00 15.53 -14.48
N PRO A 132 1.06 16.13 -15.04
CA PRO A 132 2.37 15.46 -15.04
C PRO A 132 2.84 14.86 -13.70
N GLU A 133 2.71 15.58 -12.60
CA GLU A 133 3.18 15.06 -11.31
C GLU A 133 2.36 13.87 -10.85
N VAL A 134 1.10 13.83 -11.27
CA VAL A 134 0.24 12.70 -10.93
C VAL A 134 0.64 11.51 -11.79
N GLU A 135 0.92 11.75 -13.07
CA GLU A 135 1.37 10.67 -13.93
C GLU A 135 2.66 10.06 -13.40
N ARG A 136 3.57 10.91 -12.97
N ARG A 136 3.59 10.91 -12.96
CA ARG A 136 4.87 10.47 -12.46
CA ARG A 136 4.88 10.42 -12.48
C ARG A 136 4.66 9.60 -11.22
C ARG A 136 4.75 9.63 -11.17
N LEU A 137 3.88 10.11 -10.28
CA LEU A 137 3.56 9.36 -9.05
C LEU A 137 2.91 8.02 -9.38
N ALA A 138 1.97 8.05 -10.31
CA ALA A 138 1.29 6.82 -10.71
C ALA A 138 2.26 5.78 -11.25
N ARG A 139 3.15 6.22 -12.14
N ARG A 139 3.17 6.22 -12.12
CA ARG A 139 4.15 5.30 -12.66
CA ARG A 139 4.18 5.32 -12.68
C ARG A 139 5.01 4.71 -11.54
C ARG A 139 5.08 4.74 -11.59
N GLN A 140 5.45 5.56 -10.61
CA GLN A 140 6.28 5.08 -9.48
C GLN A 140 5.55 4.06 -8.62
N ILE A 141 4.27 4.32 -8.33
CA ILE A 141 3.47 3.39 -7.57
C ILE A 141 3.39 2.03 -8.25
N VAL A 142 3.08 2.03 -9.55
CA VAL A 142 2.90 0.77 -10.26
C VAL A 142 4.21 -0.03 -10.25
N VAL A 143 5.30 0.64 -10.57
CA VAL A 143 6.60 -0.04 -10.62
C VAL A 143 6.95 -0.65 -9.26
N THR A 144 6.82 0.15 -8.21
CA THR A 144 7.21 -0.28 -6.89
C THR A 144 6.30 -1.42 -6.41
N GLN A 145 5.00 -1.30 -6.66
CA GLN A 145 4.05 -2.34 -6.19
C GLN A 145 4.38 -3.64 -6.89
N ARG A 146 4.63 -3.57 -8.19
CA ARG A 146 4.87 -4.77 -8.95
CA ARG A 146 4.93 -4.75 -9.01
C ARG A 146 6.19 -5.45 -8.53
N GLY A 147 7.21 -4.65 -8.24
CA GLY A 147 8.46 -5.23 -7.72
C GLY A 147 8.21 -5.95 -6.41
N GLU A 148 7.48 -5.30 -5.50
CA GLU A 148 7.24 -5.90 -4.19
C GLU A 148 6.36 -7.15 -4.27
N ILE A 149 5.35 -7.13 -5.14
CA ILE A 149 4.54 -8.33 -5.36
C ILE A 149 5.44 -9.50 -5.77
N ARG A 150 6.34 -9.27 -6.73
CA ARG A 150 7.17 -10.36 -7.20
C ARG A 150 8.04 -10.92 -6.06
N THR A 151 8.64 -10.04 -5.27
CA THR A 151 9.40 -10.49 -4.12
C THR A 151 8.52 -11.28 -3.14
N MET A 152 7.36 -10.72 -2.82
CA MET A 152 6.51 -11.41 -1.85
C MET A 152 6.07 -12.78 -2.34
N GLU A 153 5.77 -12.91 -3.63
CA GLU A 153 5.41 -14.21 -4.18
C GLU A 153 6.57 -15.20 -4.04
N GLY A 154 7.81 -14.71 -4.24
CA GLY A 154 8.98 -15.57 -4.09
C GLY A 154 9.14 -16.01 -2.64
N VAL A 155 8.97 -15.07 -1.71
CA VAL A 155 9.13 -15.39 -0.30
C VAL A 155 8.05 -16.39 0.13
N LEU A 156 6.80 -16.15 -0.28
CA LEU A 156 5.72 -17.03 0.10
C LEU A 156 6.02 -18.46 -0.38
N GLY A 157 6.57 -18.57 -1.59
CA GLY A 157 6.94 -19.88 -2.12
C GLY A 157 8.06 -20.56 -1.35
N ARG A 158 8.97 -19.77 -0.77
CA ARG A 158 10.12 -20.32 -0.02
C ARG A 158 9.82 -20.58 1.46
N LEU A 159 8.79 -19.96 2.00
CA LEU A 159 8.35 -20.30 3.36
C LEU A 159 7.76 -21.71 3.35
#